data_5H6O
#
_entry.id   5H6O
#
_cell.length_a   94.230
_cell.length_b   94.230
_cell.length_c   165.340
_cell.angle_alpha   90.00
_cell.angle_beta   90.00
_cell.angle_gamma   90.00
#
_symmetry.space_group_name_H-M   'I 41 2 2'
#
loop_
_entity.id
_entity.type
_entity.pdbx_description
1 polymer 'Porphobilinogen deaminase'
2 non-polymer '3-[5-{[3-(2-carboxyethyl)-4-(carboxymethyl)-5-methyl-1H-pyrrol-2-yl]methyl}-4-(carboxymethyl)-1H-pyrrol-3-yl]propanoic acid'
3 non-polymer 'MAGNESIUM ION'
4 water water
#
_entity_poly.entity_id   1
_entity_poly.type   'polypeptide(L)'
_entity_poly.pdbx_seq_one_letter_code
;MDRNIIMTETPIRIATRQSPLALWQANYVKDALMAAHPGLQVELVTMVTRGDVILDTPLAKVGGKGLFVKELEIAMLEGR
ADLAVHSMKDVPVDFPDGLGLVTICEREDPRDAFVSNTYAKIEDLPSGAIVGTCSLRRQCQLKAARPDLVIKELRGNVGT
RLSKLDAGEYDAIILAAAGLKRLELESRIRSFIEPEQSLPAVGQGAVGIECRVNDQRVRALLAPLNHADTADRVRCERAM
NLTLQGGCQVPIGSYALLEGDTIWLRALVGEPDGSQIVRGEIRGPRTQAEQLGITLAEQLLSQGAKEILERLYCDHE
;
_entity_poly.pdbx_strand_id   A
#
# COMPACT_ATOMS: atom_id res chain seq x y z
N THR A 10 -11.71 1.72 30.33
CA THR A 10 -12.37 2.45 29.26
C THR A 10 -12.04 1.82 27.89
N PRO A 11 -13.03 1.77 27.00
CA PRO A 11 -12.88 1.18 25.66
C PRO A 11 -11.82 1.86 24.81
N ILE A 12 -11.04 1.08 24.08
CA ILE A 12 -10.06 1.61 23.15
C ILE A 12 -10.75 2.01 21.85
N ARG A 13 -10.56 3.25 21.43
CA ARG A 13 -11.24 3.76 20.24
C ARG A 13 -10.36 3.73 19.00
N ILE A 14 -10.93 3.26 17.90
CA ILE A 14 -10.21 3.23 16.63
C ILE A 14 -10.83 4.20 15.62
N ALA A 15 -10.05 5.20 15.23
CA ALA A 15 -10.52 6.17 14.24
C ALA A 15 -10.41 5.56 12.84
N THR A 16 -11.53 5.58 12.11
CA THR A 16 -11.57 4.98 10.78
C THR A 16 -12.58 5.67 9.87
N ARG A 17 -12.35 5.59 8.57
CA ARG A 17 -13.29 6.14 7.59
C ARG A 17 -14.51 5.23 7.47
N GLN A 18 -15.47 5.62 6.64
CA GLN A 18 -16.69 4.85 6.48
C GLN A 18 -16.60 3.84 5.33
N SER A 19 -15.53 3.93 4.56
CA SER A 19 -15.34 3.05 3.40
C SER A 19 -15.18 1.60 3.84
N PRO A 20 -15.66 0.65 3.02
CA PRO A 20 -15.60 -0.78 3.31
C PRO A 20 -14.20 -1.28 3.66
N LEU A 21 -13.19 -0.83 2.92
CA LEU A 21 -11.81 -1.23 3.18
C LEU A 21 -11.33 -0.71 4.53
N ALA A 22 -11.63 0.55 4.83
CA ALA A 22 -11.25 1.15 6.10
C ALA A 22 -11.96 0.44 7.26
N LEU A 23 -13.24 0.14 7.06
CA LEU A 23 -14.03 -0.55 8.08
C LEU A 23 -13.51 -1.96 8.33
N TRP A 24 -13.04 -2.62 7.27
CA TRP A 24 -12.52 -3.97 7.41
C TRP A 24 -11.21 -3.98 8.20
N GLN A 25 -10.31 -3.07 7.84
CA GLN A 25 -9.01 -2.98 8.49
C GLN A 25 -9.15 -2.58 9.95
N ALA A 26 -10.12 -1.70 10.24
CA ALA A 26 -10.40 -1.28 11.60
C ALA A 26 -10.88 -2.46 12.43
N ASN A 27 -11.77 -3.27 11.85
CA ASN A 27 -12.30 -4.44 12.53
C ASN A 27 -11.25 -5.56 12.65
N TYR A 28 -10.30 -5.57 11.73
CA TYR A 28 -9.23 -6.56 11.76
C TYR A 28 -8.37 -6.39 13.00
N VAL A 29 -7.95 -5.16 13.25
CA VAL A 29 -7.16 -4.83 14.43
C VAL A 29 -7.99 -5.01 15.69
N LYS A 30 -9.25 -4.58 15.63
CA LYS A 30 -10.18 -4.73 16.74
C LYS A 30 -10.31 -6.18 17.18
N ASP A 31 -10.50 -7.07 16.21
CA ASP A 31 -10.60 -8.50 16.50
C ASP A 31 -9.26 -9.04 16.98
N ALA A 32 -8.17 -8.59 16.35
CA ALA A 32 -6.83 -9.02 16.72
C ALA A 32 -6.49 -8.61 18.14
N LEU A 33 -6.95 -7.42 18.55
CA LEU A 33 -6.72 -6.93 19.90
C LEU A 33 -7.45 -7.79 20.94
N MET A 34 -8.70 -8.11 20.66
CA MET A 34 -9.53 -8.89 21.57
C MET A 34 -9.06 -10.34 21.66
N ALA A 35 -8.48 -10.85 20.58
CA ALA A 35 -7.96 -12.20 20.56
C ALA A 35 -6.69 -12.31 21.39
N ALA A 36 -5.83 -11.30 21.28
CA ALA A 36 -4.55 -11.28 22.00
C ALA A 36 -4.74 -10.87 23.45
N HIS A 37 -5.76 -10.04 23.71
CA HIS A 37 -6.04 -9.57 25.05
C HIS A 37 -7.48 -9.86 25.46
N PRO A 38 -7.71 -11.01 26.10
CA PRO A 38 -9.04 -11.41 26.54
C PRO A 38 -9.67 -10.39 27.48
N GLY A 39 -10.91 -9.99 27.20
CA GLY A 39 -11.63 -9.04 28.04
C GLY A 39 -11.38 -7.58 27.70
N LEU A 40 -10.59 -7.34 26.66
CA LEU A 40 -10.29 -5.98 26.23
C LEU A 40 -11.45 -5.40 25.43
N GLN A 41 -11.82 -4.15 25.72
CA GLN A 41 -12.92 -3.51 25.03
C GLN A 41 -12.44 -2.53 23.95
N VAL A 42 -12.90 -2.76 22.72
CA VAL A 42 -12.53 -1.93 21.58
C VAL A 42 -13.77 -1.47 20.82
N GLU A 43 -13.81 -0.21 20.45
CA GLU A 43 -14.94 0.33 19.68
C GLU A 43 -14.44 1.24 18.55
N LEU A 44 -15.29 1.44 17.55
CA LEU A 44 -14.90 2.21 16.37
C LEU A 44 -15.56 3.59 16.32
N VAL A 45 -14.78 4.60 15.96
CA VAL A 45 -15.31 5.96 15.84
C VAL A 45 -15.24 6.42 14.39
N THR A 46 -16.40 6.58 13.76
CA THR A 46 -16.47 6.98 12.36
C THR A 46 -16.16 8.47 12.18
N MET A 47 -15.49 8.79 11.08
CA MET A 47 -15.06 10.15 10.81
C MET A 47 -15.62 10.66 9.49
N VAL A 48 -16.04 11.93 9.48
CA VAL A 48 -16.59 12.62 8.32
C VAL A 48 -17.47 11.75 7.42
N PHE A 68 -5.63 13.31 3.09
CA PHE A 68 -6.62 13.99 3.93
C PHE A 68 -6.83 13.22 5.23
N VAL A 69 -5.83 12.44 5.62
CA VAL A 69 -5.90 11.64 6.83
C VAL A 69 -5.70 12.51 8.08
N LYS A 70 -5.40 13.79 7.85
CA LYS A 70 -5.21 14.77 8.91
C LYS A 70 -6.31 14.74 9.95
N GLU A 71 -7.56 14.62 9.49
CA GLU A 71 -8.71 14.56 10.38
C GLU A 71 -8.65 13.39 11.35
N LEU A 72 -8.04 12.29 10.92
CA LEU A 72 -7.90 11.12 11.76
C LEU A 72 -6.85 11.35 12.85
N GLU A 73 -5.78 12.05 12.51
CA GLU A 73 -4.70 12.31 13.45
C GLU A 73 -5.07 13.35 14.48
N ILE A 74 -5.85 14.35 14.06
CA ILE A 74 -6.31 15.41 14.96
C ILE A 74 -7.16 14.82 16.10
N ALA A 75 -8.03 13.88 15.75
CA ALA A 75 -8.89 13.22 16.72
C ALA A 75 -8.08 12.51 17.80
N MET A 76 -6.96 11.91 17.41
CA MET A 76 -6.07 11.24 18.35
C MET A 76 -5.33 12.25 19.22
N LEU A 77 -5.00 13.40 18.61
CA LEU A 77 -4.34 14.48 19.35
C LEU A 77 -5.30 15.15 20.32
N GLU A 78 -6.59 15.17 19.95
CA GLU A 78 -7.61 15.80 20.77
C GLU A 78 -8.18 14.82 21.79
N GLY A 79 -7.64 13.62 21.81
CA GLY A 79 -8.06 12.61 22.77
C GLY A 79 -9.44 12.05 22.50
N ARG A 80 -9.91 12.22 21.26
CA ARG A 80 -11.20 11.68 20.85
C ARG A 80 -11.02 10.28 20.28
N ALA A 81 -9.78 9.84 20.20
CA ALA A 81 -9.46 8.53 19.66
C ALA A 81 -8.14 8.03 20.24
N ASP A 82 -7.89 6.72 20.10
CA ASP A 82 -6.70 6.11 20.64
C ASP A 82 -5.71 5.71 19.54
N LEU A 83 -6.14 4.79 18.68
CA LEU A 83 -5.30 4.35 17.56
C LEU A 83 -6.04 4.47 16.23
N ALA A 84 -5.28 4.52 15.14
CA ALA A 84 -5.85 4.59 13.80
C ALA A 84 -5.17 3.58 12.86
N VAL A 85 -5.98 2.92 12.05
CA VAL A 85 -5.49 1.87 11.17
C VAL A 85 -5.28 2.37 9.74
N HIS A 86 -4.07 2.21 9.23
CA HIS A 86 -3.74 2.66 7.89
C HIS A 86 -3.20 1.54 6.99
N SER A 87 -3.44 1.67 5.70
CA SER A 87 -2.71 0.88 4.72
C SER A 87 -1.36 1.57 4.51
N MET A 88 -0.28 0.80 4.53
CA MET A 88 1.07 1.36 4.53
C MET A 88 1.36 2.24 3.31
N LYS A 89 0.58 2.06 2.24
CA LYS A 89 0.68 2.91 1.07
C LYS A 89 0.20 4.32 1.37
N ASP A 90 -0.80 4.41 2.25
CA ASP A 90 -1.47 5.68 2.53
C ASP A 90 -0.88 6.40 3.73
N VAL A 91 0.10 5.78 4.38
CA VAL A 91 0.77 6.42 5.52
C VAL A 91 1.62 7.59 5.04
N PRO A 92 1.34 8.79 5.56
CA PRO A 92 2.05 10.01 5.17
C PRO A 92 3.52 9.99 5.55
N VAL A 93 4.31 10.87 4.94
CA VAL A 93 5.75 10.92 5.18
C VAL A 93 6.08 11.59 6.50
N ASP A 94 5.21 12.48 6.96
CA ASP A 94 5.44 13.20 8.20
C ASP A 94 4.36 12.94 9.24
N PHE A 95 4.80 12.61 10.45
CA PHE A 95 3.88 12.45 11.58
C PHE A 95 3.90 13.69 12.46
N PRO A 96 2.71 14.23 12.79
CA PRO A 96 2.62 15.35 13.72
C PRO A 96 3.24 14.98 15.07
N ASP A 97 3.76 15.98 15.80
CA ASP A 97 4.40 15.72 17.08
C ASP A 97 3.47 14.99 18.03
N GLY A 98 3.95 13.88 18.58
CA GLY A 98 3.16 13.08 19.50
C GLY A 98 2.63 11.79 18.90
N LEU A 99 2.64 11.69 17.57
CA LEU A 99 2.14 10.51 16.89
C LEU A 99 3.26 9.77 16.14
N GLY A 100 2.90 8.64 15.55
CA GLY A 100 3.85 7.85 14.77
C GLY A 100 3.33 6.45 14.49
N LEU A 101 3.98 5.76 13.54
CA LEU A 101 3.56 4.41 13.17
C LEU A 101 4.37 3.40 13.98
N VAL A 102 3.73 2.78 14.96
CA VAL A 102 4.43 1.85 15.85
C VAL A 102 4.22 0.35 15.56
N THR A 103 3.32 0.04 14.63
CA THR A 103 2.96 -1.36 14.40
C THR A 103 2.64 -1.66 12.94
N ILE A 104 3.17 -2.78 12.45
CA ILE A 104 2.83 -3.28 11.11
C ILE A 104 2.40 -4.74 11.20
N CYS A 105 1.18 -5.03 10.77
CA CYS A 105 0.62 -6.37 10.90
C CYS A 105 1.15 -7.33 9.84
N GLU A 106 0.68 -8.58 9.89
CA GLU A 106 1.05 -9.60 8.93
C GLU A 106 0.60 -9.18 7.53
N ARG A 107 1.48 -9.34 6.55
CA ARG A 107 1.22 -8.84 5.20
C ARG A 107 0.29 -9.76 4.41
N GLU A 108 -0.68 -9.15 3.71
CA GLU A 108 -1.54 -9.88 2.80
C GLU A 108 -0.88 -9.88 1.42
N ASP A 109 -1.62 -10.32 0.39
CA ASP A 109 -1.08 -10.37 -0.96
C ASP A 109 -0.63 -8.98 -1.43
N PRO A 110 0.68 -8.82 -1.65
CA PRO A 110 1.33 -7.54 -2.00
C PRO A 110 1.09 -7.04 -3.42
N ARG A 111 0.84 -7.93 -4.37
CA ARG A 111 0.90 -7.56 -5.78
C ARG A 111 -0.44 -7.06 -6.36
N ASP A 112 -0.39 -6.61 -7.61
CA ASP A 112 -1.57 -6.09 -8.30
C ASP A 112 -2.44 -7.21 -8.88
N ALA A 113 -3.72 -6.91 -9.07
CA ALA A 113 -4.65 -7.86 -9.65
C ALA A 113 -5.24 -7.35 -10.95
N PHE A 114 -5.35 -8.24 -11.94
CA PHE A 114 -5.93 -7.90 -13.22
C PHE A 114 -7.41 -8.26 -13.22
N VAL A 115 -8.27 -7.25 -13.38
CA VAL A 115 -9.71 -7.47 -13.29
C VAL A 115 -10.42 -7.14 -14.61
N SER A 116 -10.96 -8.17 -15.24
CA SER A 116 -11.72 -8.00 -16.47
C SER A 116 -12.80 -9.07 -16.63
N ASN A 117 -13.95 -8.68 -17.17
CA ASN A 117 -14.98 -9.64 -17.51
C ASN A 117 -14.68 -10.34 -18.84
N THR A 118 -14.10 -9.59 -19.77
CA THR A 118 -13.85 -10.10 -21.12
C THR A 118 -12.44 -10.63 -21.37
N TYR A 119 -11.55 -10.51 -20.38
CA TYR A 119 -10.17 -10.95 -20.57
C TYR A 119 -9.53 -11.52 -19.30
N ALA A 120 -8.42 -12.23 -19.49
CA ALA A 120 -7.75 -12.93 -18.40
C ALA A 120 -6.58 -12.14 -17.83
N LYS A 121 -5.56 -11.91 -18.65
CA LYS A 121 -4.38 -11.16 -18.22
C LYS A 121 -4.01 -10.05 -19.21
N ILE A 122 -2.89 -9.39 -18.94
CA ILE A 122 -2.46 -8.23 -19.73
C ILE A 122 -2.17 -8.57 -21.19
N GLU A 123 -1.39 -9.61 -21.41
CA GLU A 123 -0.96 -9.97 -22.75
C GLU A 123 -2.09 -10.51 -23.62
N ASP A 124 -3.24 -10.77 -23.02
CA ASP A 124 -4.42 -11.22 -23.76
C ASP A 124 -5.26 -10.05 -24.24
N LEU A 125 -4.85 -8.84 -23.86
CA LEU A 125 -5.55 -7.63 -24.30
C LEU A 125 -5.14 -7.26 -25.72
N PRO A 126 -6.14 -6.93 -26.55
CA PRO A 126 -5.88 -6.48 -27.93
C PRO A 126 -5.07 -5.19 -27.96
N SER A 127 -4.47 -4.89 -29.11
CA SER A 127 -3.70 -3.67 -29.24
C SER A 127 -4.63 -2.45 -29.21
N GLY A 128 -4.36 -1.53 -28.29
CA GLY A 128 -5.19 -0.35 -28.13
C GLY A 128 -6.37 -0.58 -27.20
N ALA A 129 -6.25 -1.60 -26.34
CA ALA A 129 -7.29 -1.90 -25.36
C ALA A 129 -7.36 -0.79 -24.30
N ILE A 130 -8.50 -0.68 -23.65
CA ILE A 130 -8.71 0.37 -22.64
C ILE A 130 -8.65 -0.19 -21.23
N VAL A 131 -7.58 0.15 -20.51
CA VAL A 131 -7.40 -0.32 -19.14
C VAL A 131 -7.42 0.82 -18.12
N GLY A 132 -8.49 0.90 -17.34
CA GLY A 132 -8.61 1.92 -16.32
C GLY A 132 -7.68 1.76 -15.12
N THR A 133 -6.84 2.75 -14.88
CA THR A 133 -6.10 2.87 -13.63
C THR A 133 -5.77 4.34 -13.36
N CYS A 134 -5.85 4.76 -12.10
CA CYS A 134 -5.47 6.12 -11.72
C CYS A 134 -4.06 6.17 -11.15
N SER A 135 -3.42 5.01 -11.02
CA SER A 135 -2.11 4.92 -10.42
C SER A 135 -0.99 5.19 -11.42
N LEU A 136 -0.17 6.19 -11.12
CA LEU A 136 0.99 6.52 -11.96
C LEU A 136 1.98 5.35 -11.98
N ARG A 137 2.03 4.61 -10.87
CA ARG A 137 2.93 3.48 -10.75
C ARG A 137 2.54 2.34 -11.67
N ARG A 138 1.25 2.00 -11.67
CA ARG A 138 0.73 0.93 -12.50
C ARG A 138 0.73 1.33 -13.98
N GLN A 139 0.39 2.59 -14.23
CA GLN A 139 0.33 3.12 -15.59
C GLN A 139 1.69 3.10 -16.29
N CYS A 140 2.72 3.54 -15.61
CA CYS A 140 4.05 3.66 -16.20
C CYS A 140 4.64 2.28 -16.54
N GLN A 141 4.24 1.27 -15.78
CA GLN A 141 4.71 -0.09 -16.02
C GLN A 141 3.97 -0.74 -17.18
N LEU A 142 2.72 -0.37 -17.38
CA LEU A 142 1.93 -0.89 -18.49
C LEU A 142 2.40 -0.31 -19.82
N LYS A 143 2.54 1.00 -19.87
CA LYS A 143 3.00 1.69 -21.07
C LYS A 143 4.41 1.27 -21.48
N ALA A 144 5.19 0.84 -20.50
CA ALA A 144 6.56 0.38 -20.76
C ALA A 144 6.54 -0.91 -21.58
N ALA A 145 5.72 -1.87 -21.14
CA ALA A 145 5.62 -3.16 -21.82
C ALA A 145 4.76 -3.07 -23.07
N ARG A 146 3.64 -2.35 -22.97
CA ARG A 146 2.72 -2.20 -24.10
C ARG A 146 2.21 -0.78 -24.25
N PRO A 147 2.97 0.07 -24.95
CA PRO A 147 2.63 1.48 -25.19
C PRO A 147 1.31 1.64 -25.96
N ASP A 148 0.91 0.60 -26.68
CA ASP A 148 -0.29 0.63 -27.50
C ASP A 148 -1.56 0.80 -26.68
N LEU A 149 -1.53 0.31 -25.45
CA LEU A 149 -2.70 0.34 -24.58
C LEU A 149 -3.18 1.76 -24.28
N VAL A 150 -4.50 1.94 -24.29
CA VAL A 150 -5.09 3.22 -23.94
C VAL A 150 -5.46 3.21 -22.46
N ILE A 151 -4.77 4.04 -21.69
CA ILE A 151 -4.98 4.07 -20.24
C ILE A 151 -5.92 5.20 -19.84
N LYS A 152 -7.05 4.81 -19.26
CA LYS A 152 -8.10 5.75 -18.89
C LYS A 152 -8.16 5.87 -17.37
N GLU A 153 -8.56 7.04 -16.87
CA GLU A 153 -8.63 7.28 -15.44
C GLU A 153 -9.68 6.38 -14.78
N LEU A 154 -9.43 6.04 -13.51
CA LEU A 154 -10.38 5.25 -12.74
C LEU A 154 -10.54 5.83 -11.35
N ARG A 155 -11.76 6.24 -11.00
CA ARG A 155 -12.01 6.85 -9.70
C ARG A 155 -13.25 6.27 -9.03
N GLY A 156 -13.40 6.56 -7.74
CA GLY A 156 -14.46 5.98 -6.94
C GLY A 156 -13.90 4.90 -6.05
N ASN A 157 -14.76 4.31 -5.22
CA ASN A 157 -14.33 3.23 -4.33
C ASN A 157 -14.23 1.90 -5.08
N VAL A 158 -13.98 0.83 -4.33
CA VAL A 158 -13.82 -0.50 -4.92
C VAL A 158 -15.07 -0.94 -5.68
N GLY A 159 -16.25 -0.78 -5.07
CA GLY A 159 -17.49 -1.16 -5.70
C GLY A 159 -17.82 -0.31 -6.91
N THR A 160 -17.53 0.98 -6.80
CA THR A 160 -17.76 1.91 -7.91
C THR A 160 -16.90 1.56 -9.11
N ARG A 161 -15.65 1.18 -8.84
CA ARG A 161 -14.71 0.79 -9.89
C ARG A 161 -15.20 -0.44 -10.66
N LEU A 162 -15.71 -1.43 -9.93
CA LEU A 162 -16.26 -2.64 -10.54
C LEU A 162 -17.53 -2.32 -11.31
N SER A 163 -18.32 -1.39 -10.78
CA SER A 163 -19.58 -0.99 -11.40
C SER A 163 -19.35 -0.42 -12.79
N LYS A 164 -18.26 0.33 -12.96
CA LYS A 164 -17.93 0.93 -14.25
C LYS A 164 -17.42 -0.12 -15.23
N LEU A 165 -16.73 -1.13 -14.71
CA LEU A 165 -16.20 -2.21 -15.54
C LEU A 165 -17.32 -3.02 -16.15
N ASP A 166 -18.35 -3.29 -15.35
CA ASP A 166 -19.51 -4.04 -15.81
C ASP A 166 -20.35 -3.22 -16.78
N ALA A 167 -20.14 -1.91 -16.76
CA ALA A 167 -20.84 -1.00 -17.67
C ALA A 167 -20.12 -0.92 -19.01
N GLY A 168 -18.98 -1.60 -19.11
CA GLY A 168 -18.23 -1.67 -20.35
C GLY A 168 -17.39 -0.44 -20.62
N GLU A 169 -17.19 0.39 -19.59
CA GLU A 169 -16.39 1.60 -19.74
C GLU A 169 -14.91 1.27 -19.90
N TYR A 170 -14.53 0.07 -19.48
CA TYR A 170 -13.15 -0.40 -19.61
C TYR A 170 -13.10 -1.83 -20.13
N ASP A 171 -12.03 -2.16 -20.83
CA ASP A 171 -11.77 -3.55 -21.18
C ASP A 171 -11.28 -4.30 -19.95
N ALA A 172 -10.52 -3.61 -19.12
CA ALA A 172 -10.00 -4.16 -17.88
C ALA A 172 -9.64 -3.06 -16.89
N ILE A 173 -9.52 -3.43 -15.62
CA ILE A 173 -9.01 -2.52 -14.60
C ILE A 173 -8.01 -3.24 -13.71
N ILE A 174 -7.10 -2.47 -13.11
CA ILE A 174 -6.08 -3.06 -12.24
C ILE A 174 -6.21 -2.58 -10.80
N LEU A 175 -6.53 -3.51 -9.90
CA LEU A 175 -6.70 -3.20 -8.49
C LEU A 175 -5.73 -4.00 -7.64
N ALA A 176 -5.51 -3.56 -6.40
CA ALA A 176 -4.65 -4.29 -5.48
C ALA A 176 -5.31 -5.61 -5.09
N ALA A 177 -4.51 -6.68 -5.08
CA ALA A 177 -5.02 -8.01 -4.75
C ALA A 177 -5.51 -8.06 -3.30
N ALA A 178 -4.83 -7.32 -2.42
CA ALA A 178 -5.17 -7.31 -1.00
C ALA A 178 -6.59 -6.83 -0.76
N GLY A 179 -6.95 -5.70 -1.36
CA GLY A 179 -8.26 -5.10 -1.19
C GLY A 179 -9.41 -6.02 -1.57
N LEU A 180 -9.24 -6.76 -2.66
CA LEU A 180 -10.28 -7.65 -3.14
C LEU A 180 -10.44 -8.88 -2.24
N LYS A 181 -9.32 -9.39 -1.75
CA LYS A 181 -9.33 -10.55 -0.87
C LYS A 181 -9.98 -10.24 0.47
N ARG A 182 -9.75 -9.02 0.97
CA ARG A 182 -10.29 -8.61 2.26
C ARG A 182 -11.79 -8.36 2.18
N LEU A 183 -12.28 -8.07 0.98
CA LEU A 183 -13.69 -7.80 0.76
C LEU A 183 -14.45 -9.06 0.30
N GLU A 184 -13.74 -10.18 0.26
CA GLU A 184 -14.28 -11.45 -0.25
C GLU A 184 -14.69 -11.30 -1.71
N LEU A 185 -14.03 -10.39 -2.40
CA LEU A 185 -14.23 -10.13 -3.82
C LEU A 185 -13.26 -10.93 -4.67
N GLU A 186 -12.54 -11.84 -4.02
CA GLU A 186 -11.45 -12.60 -4.62
C GLU A 186 -11.79 -13.23 -5.97
N SER A 187 -13.07 -13.51 -6.21
CA SER A 187 -13.52 -14.08 -7.48
C SER A 187 -13.38 -13.08 -8.63
N ARG A 188 -13.12 -11.81 -8.29
CA ARG A 188 -12.99 -10.77 -9.33
C ARG A 188 -11.57 -10.69 -9.87
N ILE A 189 -10.68 -11.54 -9.34
CA ILE A 189 -9.30 -11.56 -9.81
C ILE A 189 -9.12 -12.59 -10.91
N ARG A 190 -8.86 -12.10 -12.13
CA ARG A 190 -8.66 -12.97 -13.27
C ARG A 190 -7.24 -13.53 -13.26
N SER A 191 -6.28 -12.67 -12.96
CA SER A 191 -4.87 -13.07 -12.89
C SER A 191 -4.11 -12.19 -11.91
N PHE A 192 -3.12 -12.80 -11.26
CA PHE A 192 -2.26 -12.06 -10.33
C PHE A 192 -1.06 -11.52 -11.10
N ILE A 193 -0.94 -10.19 -11.13
CA ILE A 193 0.20 -9.58 -11.79
C ILE A 193 1.40 -9.64 -10.86
N GLU A 194 2.45 -10.33 -11.29
CA GLU A 194 3.61 -10.58 -10.44
C GLU A 194 4.43 -9.31 -10.28
N PRO A 195 5.15 -9.20 -9.14
CA PRO A 195 6.05 -8.07 -8.87
C PRO A 195 7.01 -7.79 -10.01
N GLU A 196 7.41 -8.84 -10.72
CA GLU A 196 8.27 -8.70 -11.88
C GLU A 196 7.57 -7.95 -13.01
N GLN A 197 6.30 -8.26 -13.21
CA GLN A 197 5.51 -7.61 -14.25
C GLN A 197 5.07 -6.21 -13.82
N SER A 198 4.52 -6.12 -12.61
CA SER A 198 4.20 -4.82 -12.03
C SER A 198 4.67 -4.75 -10.57
N LEU A 199 5.60 -3.84 -10.29
CA LEU A 199 6.17 -3.72 -8.96
C LEU A 199 5.20 -3.01 -8.02
N PRO A 200 4.91 -3.64 -6.87
CA PRO A 200 3.95 -3.13 -5.88
C PRO A 200 4.33 -1.76 -5.32
N ALA A 201 3.33 -1.00 -4.89
CA ALA A 201 3.56 0.26 -4.20
C ALA A 201 4.12 -0.03 -2.82
N VAL A 202 4.77 0.97 -2.22
CA VAL A 202 5.40 0.80 -0.91
C VAL A 202 4.38 0.34 0.14
N GLY A 203 4.69 -0.78 0.79
CA GLY A 203 3.85 -1.33 1.84
C GLY A 203 2.49 -1.82 1.38
N GLN A 204 2.35 -2.15 0.11
CA GLN A 204 1.08 -2.66 -0.40
C GLN A 204 0.77 -4.02 0.17
N GLY A 205 -0.46 -4.20 0.65
CA GLY A 205 -0.88 -5.44 1.28
C GLY A 205 -0.54 -5.45 2.76
N ALA A 206 0.19 -4.44 3.21
CA ALA A 206 0.60 -4.32 4.60
C ALA A 206 -0.24 -3.30 5.36
N VAL A 207 -0.72 -3.67 6.53
CA VAL A 207 -1.55 -2.78 7.35
C VAL A 207 -0.79 -2.27 8.57
N GLY A 208 -0.60 -0.96 8.63
CA GLY A 208 0.06 -0.33 9.76
C GLY A 208 -0.92 0.28 10.76
N ILE A 209 -0.43 0.54 11.97
CA ILE A 209 -1.25 1.15 13.01
C ILE A 209 -0.57 2.37 13.62
N GLU A 210 -1.32 3.47 13.71
CA GLU A 210 -0.79 4.72 14.25
C GLU A 210 -1.46 5.08 15.58
N CYS A 211 -0.68 5.58 16.53
CA CYS A 211 -1.21 6.00 17.82
C CYS A 211 -0.34 7.06 18.48
N ARG A 212 -0.70 7.44 19.70
CA ARG A 212 0.12 8.37 20.48
C ARG A 212 1.38 7.67 20.98
N VAL A 213 2.53 8.27 20.71
CA VAL A 213 3.83 7.66 21.01
C VAL A 213 4.00 7.37 22.50
N ASN A 214 3.61 8.31 23.33
CA ASN A 214 3.84 8.20 24.77
C ASN A 214 2.70 7.51 25.49
N ASP A 215 1.75 6.96 24.73
CA ASP A 215 0.67 6.21 25.34
C ASP A 215 1.17 4.77 25.46
N GLN A 216 1.49 4.38 26.69
CA GLN A 216 2.13 3.10 26.94
C GLN A 216 1.12 1.97 27.00
N ARG A 217 -0.09 2.30 27.46
CA ARG A 217 -1.18 1.36 27.48
C ARG A 217 -1.46 0.83 26.08
N VAL A 218 -1.52 1.75 25.12
CA VAL A 218 -1.78 1.40 23.72
C VAL A 218 -0.57 0.72 23.06
N ARG A 219 0.62 1.27 23.28
CA ARG A 219 1.84 0.71 22.73
C ARG A 219 2.03 -0.76 23.14
N ALA A 220 1.68 -1.07 24.37
CA ALA A 220 1.83 -2.43 24.89
C ALA A 220 0.79 -3.37 24.30
N LEU A 221 -0.38 -2.84 23.98
CA LEU A 221 -1.46 -3.65 23.40
C LEU A 221 -1.23 -3.90 21.91
N LEU A 222 -0.58 -2.95 21.24
CA LEU A 222 -0.33 -3.06 19.80
C LEU A 222 0.92 -3.89 19.50
N ALA A 223 1.66 -4.25 20.54
CA ALA A 223 2.91 -5.00 20.37
C ALA A 223 2.73 -6.40 19.77
N PRO A 224 1.75 -7.20 20.26
CA PRO A 224 1.63 -8.54 19.67
C PRO A 224 1.20 -8.54 18.20
N LEU A 225 0.51 -7.48 17.77
CA LEU A 225 0.02 -7.40 16.40
C LEU A 225 1.14 -7.12 15.41
N ASN A 226 2.28 -6.67 15.92
CA ASN A 226 3.43 -6.36 15.08
C ASN A 226 4.12 -7.63 14.57
N HIS A 227 4.26 -7.71 13.25
CA HIS A 227 4.93 -8.85 12.62
C HIS A 227 6.35 -8.45 12.21
N ALA A 228 7.34 -9.06 12.86
CA ALA A 228 8.74 -8.68 12.69
C ALA A 228 9.22 -8.77 11.24
N ASP A 229 8.90 -9.88 10.58
CA ASP A 229 9.29 -10.06 9.18
C ASP A 229 8.72 -8.95 8.30
N THR A 230 7.41 -8.75 8.43
CA THR A 230 6.71 -7.72 7.66
C THR A 230 7.22 -6.32 8.01
N ALA A 231 7.52 -6.11 9.28
CA ALA A 231 7.96 -4.81 9.78
C ALA A 231 9.23 -4.33 9.07
N ASP A 232 10.24 -5.18 9.05
CA ASP A 232 11.53 -4.83 8.45
C ASP A 232 11.41 -4.57 6.95
N ARG A 233 10.53 -5.31 6.28
CA ARG A 233 10.32 -5.17 4.85
C ARG A 233 9.76 -3.79 4.50
N VAL A 234 8.63 -3.45 5.12
CA VAL A 234 7.93 -2.20 4.82
C VAL A 234 8.73 -0.98 5.25
N ARG A 235 9.36 -1.08 6.42
CA ARG A 235 10.20 0.01 6.92
C ARG A 235 11.43 0.20 6.02
N CYS A 236 11.79 -0.85 5.30
CA CYS A 236 12.85 -0.76 4.30
C CYS A 236 12.32 -0.12 3.02
N GLU A 237 11.09 -0.49 2.66
CA GLU A 237 10.43 0.05 1.47
C GLU A 237 10.16 1.54 1.63
N ARG A 238 9.78 1.94 2.85
CA ARG A 238 9.46 3.34 3.13
C ARG A 238 10.67 4.24 2.94
N ALA A 239 11.78 3.90 3.59
CA ALA A 239 13.00 4.71 3.56
C ALA A 239 13.45 4.98 2.12
N MET A 240 13.27 3.99 1.25
CA MET A 240 13.56 4.13 -0.16
C MET A 240 12.65 5.19 -0.77
N ASN A 241 11.35 5.03 -0.51
CA ASN A 241 10.35 5.95 -1.03
C ASN A 241 10.54 7.37 -0.51
N LEU A 242 10.67 7.49 0.82
CA LEU A 242 10.82 8.78 1.48
C LEU A 242 11.92 9.64 0.88
N THR A 243 13.05 9.00 0.56
CA THR A 243 14.19 9.72 0.00
C THR A 243 13.85 10.32 -1.36
N LEU A 244 13.19 9.55 -2.21
CA LEU A 244 12.82 10.01 -3.54
C LEU A 244 11.70 11.04 -3.51
N GLN A 245 10.58 10.68 -2.88
CA GLN A 245 9.37 11.49 -2.90
C GLN A 245 8.28 10.83 -2.04
N GLY A 246 7.28 11.60 -1.65
CA GLY A 246 6.21 11.08 -0.80
C GLY A 246 4.90 10.84 -1.53
N GLY A 247 3.93 10.29 -0.82
CA GLY A 247 2.60 10.08 -1.34
C GLY A 247 2.50 9.04 -2.45
N CYS A 248 1.28 8.85 -2.94
CA CYS A 248 1.03 7.90 -4.02
C CYS A 248 0.98 8.58 -5.38
N GLN A 249 1.14 9.90 -5.39
CA GLN A 249 1.04 10.67 -6.63
C GLN A 249 2.21 10.42 -7.56
N VAL A 250 3.29 9.86 -7.01
CA VAL A 250 4.51 9.65 -7.78
C VAL A 250 4.63 8.20 -8.26
N PRO A 251 4.92 8.01 -9.56
CA PRO A 251 5.08 6.67 -10.14
C PRO A 251 6.32 5.95 -9.63
N ILE A 252 6.26 5.46 -8.39
CA ILE A 252 7.37 4.74 -7.79
C ILE A 252 6.95 3.40 -7.22
N GLY A 253 7.46 2.31 -7.79
CA GLY A 253 7.27 1.02 -7.16
C GLY A 253 8.32 0.80 -6.10
N SER A 254 7.91 0.24 -4.97
CA SER A 254 8.84 -0.17 -3.92
C SER A 254 8.38 -1.49 -3.32
N TYR A 255 9.22 -2.51 -3.43
CA TYR A 255 8.85 -3.83 -2.90
C TYR A 255 10.07 -4.60 -2.41
N ALA A 256 9.90 -5.31 -1.30
CA ALA A 256 11.00 -6.06 -0.72
C ALA A 256 10.56 -7.42 -0.17
N LEU A 257 11.25 -8.47 -0.60
CA LEU A 257 11.10 -9.78 0.02
C LEU A 257 12.14 -9.91 1.12
N LEU A 258 12.12 -11.04 1.82
CA LEU A 258 13.23 -11.40 2.68
C LEU A 258 13.56 -12.88 2.49
N GLU A 259 14.82 -13.15 2.16
CA GLU A 259 15.29 -14.52 2.02
C GLU A 259 16.07 -14.87 3.28
N GLY A 260 15.49 -15.73 4.12
CA GLY A 260 16.06 -15.97 5.42
C GLY A 260 16.12 -14.67 6.20
N ASP A 261 17.32 -14.29 6.62
CA ASP A 261 17.55 -13.01 7.28
C ASP A 261 18.00 -11.95 6.29
N THR A 262 18.05 -12.29 5.01
CA THR A 262 18.49 -11.36 3.98
C THR A 262 17.31 -10.67 3.29
N ILE A 263 17.34 -9.35 3.25
CA ILE A 263 16.28 -8.56 2.64
C ILE A 263 16.60 -8.18 1.19
N TRP A 264 15.72 -8.58 0.27
CA TRP A 264 15.88 -8.26 -1.14
C TRP A 264 14.97 -7.11 -1.53
N LEU A 265 15.55 -5.95 -1.82
CA LEU A 265 14.77 -4.76 -2.15
C LEU A 265 14.86 -4.38 -3.63
N ARG A 266 13.70 -4.13 -4.24
CA ARG A 266 13.63 -3.68 -5.61
C ARG A 266 12.87 -2.36 -5.70
N ALA A 267 13.42 -1.40 -6.42
CA ALA A 267 12.80 -0.08 -6.55
C ALA A 267 12.60 0.30 -8.02
N LEU A 268 11.59 1.10 -8.30
CA LEU A 268 11.27 1.48 -9.66
C LEU A 268 10.82 2.94 -9.76
N VAL A 269 11.40 3.67 -10.71
CA VAL A 269 10.97 5.02 -11.03
C VAL A 269 10.96 5.20 -12.54
N GLY A 270 9.84 5.66 -13.09
CA GLY A 270 9.74 5.81 -14.53
C GLY A 270 8.75 6.86 -15.01
N GLU A 271 8.86 7.20 -16.29
CA GLU A 271 7.94 8.14 -16.93
C GLU A 271 6.54 7.54 -17.02
N PRO A 272 5.52 8.36 -16.74
CA PRO A 272 4.12 7.92 -16.77
C PRO A 272 3.68 7.38 -18.13
N ASP A 273 4.29 7.85 -19.21
CA ASP A 273 3.92 7.40 -20.56
C ASP A 273 4.74 6.20 -21.00
N GLY A 274 5.59 5.70 -20.10
CA GLY A 274 6.37 4.50 -20.35
C GLY A 274 7.55 4.74 -21.29
N SER A 275 8.19 5.89 -21.13
CA SER A 275 9.35 6.23 -21.94
C SER A 275 10.57 5.48 -21.46
N GLN A 276 11.04 5.80 -20.26
CA GLN A 276 12.18 5.12 -19.67
C GLN A 276 11.87 4.67 -18.24
N ILE A 277 12.42 3.53 -17.85
CA ILE A 277 12.19 2.98 -16.52
C ILE A 277 13.51 2.72 -15.80
N VAL A 278 13.67 3.30 -14.63
CA VAL A 278 14.88 3.12 -13.83
C VAL A 278 14.65 2.12 -12.71
N ARG A 279 15.31 0.96 -12.82
CA ARG A 279 15.16 -0.09 -11.83
C ARG A 279 16.46 -0.30 -11.05
N GLY A 280 16.34 -0.78 -9.82
CA GLY A 280 17.50 -1.03 -8.99
C GLY A 280 17.27 -2.17 -8.00
N GLU A 281 18.37 -2.75 -7.53
CA GLU A 281 18.31 -3.84 -6.57
C GLU A 281 19.42 -3.73 -5.53
N ILE A 282 19.14 -4.25 -4.35
CA ILE A 282 20.13 -4.36 -3.28
C ILE A 282 19.71 -5.50 -2.36
N ARG A 283 20.68 -6.09 -1.65
CA ARG A 283 20.36 -7.19 -0.76
C ARG A 283 20.81 -6.88 0.66
N GLY A 284 19.89 -7.02 1.61
CA GLY A 284 20.12 -6.55 2.95
C GLY A 284 20.65 -7.51 4.00
N PRO A 285 21.39 -6.95 4.96
CA PRO A 285 21.42 -7.42 6.33
C PRO A 285 20.12 -6.95 6.94
N ARG A 286 19.54 -7.73 7.84
CA ARG A 286 18.20 -7.44 8.33
C ARG A 286 18.11 -6.14 9.15
N THR A 287 19.22 -5.80 9.80
CA THR A 287 19.26 -4.62 10.68
C THR A 287 19.38 -3.29 9.94
N GLN A 288 20.00 -3.32 8.77
CA GLN A 288 20.31 -2.11 8.02
C GLN A 288 19.16 -1.73 7.08
N ALA A 289 18.04 -2.42 7.23
CA ALA A 289 16.89 -2.30 6.32
C ALA A 289 16.51 -0.85 5.98
N GLU A 290 16.55 0.03 6.97
CA GLU A 290 16.25 1.44 6.72
C GLU A 290 17.38 2.11 5.94
N GLN A 291 18.60 1.67 6.17
CA GLN A 291 19.77 2.23 5.50
C GLN A 291 19.85 1.74 4.05
N LEU A 292 19.28 0.57 3.78
CA LEU A 292 19.29 0.00 2.43
C LEU A 292 18.49 0.86 1.46
N GLY A 293 17.28 1.23 1.88
CA GLY A 293 16.38 2.00 1.03
C GLY A 293 16.91 3.36 0.65
N ILE A 294 17.49 4.06 1.62
CA ILE A 294 18.00 5.40 1.38
C ILE A 294 19.24 5.36 0.48
N THR A 295 19.97 4.25 0.51
CA THR A 295 21.14 4.08 -0.35
C THR A 295 20.73 3.72 -1.77
N LEU A 296 19.74 2.84 -1.89
CA LEU A 296 19.26 2.41 -3.20
C LEU A 296 18.56 3.58 -3.90
N ALA A 297 17.88 4.41 -3.11
CA ALA A 297 17.22 5.59 -3.64
C ALA A 297 18.26 6.60 -4.16
N GLU A 298 19.33 6.78 -3.40
CA GLU A 298 20.44 7.62 -3.81
C GLU A 298 21.11 7.05 -5.05
N GLN A 299 21.16 5.72 -5.12
CA GLN A 299 21.74 5.03 -6.26
C GLN A 299 20.94 5.30 -7.53
N LEU A 300 19.61 5.31 -7.39
CA LEU A 300 18.74 5.57 -8.52
C LEU A 300 18.77 7.04 -8.93
N LEU A 301 18.87 7.93 -7.94
CA LEU A 301 18.93 9.37 -8.20
C LEU A 301 20.12 9.73 -9.06
N SER A 302 21.23 9.01 -8.86
CA SER A 302 22.44 9.23 -9.66
C SER A 302 22.28 8.64 -11.04
N GLN A 303 21.30 7.74 -11.19
CA GLN A 303 21.05 7.06 -12.46
C GLN A 303 20.00 7.78 -13.29
N GLY A 304 19.55 8.94 -12.83
CA GLY A 304 18.61 9.74 -13.59
C GLY A 304 17.19 9.77 -13.05
N ALA A 305 16.96 9.15 -11.90
CA ALA A 305 15.63 9.15 -11.27
C ALA A 305 15.17 10.56 -10.92
N LYS A 306 16.12 11.44 -10.61
CA LYS A 306 15.79 12.82 -10.28
C LYS A 306 15.27 13.57 -11.50
N GLU A 307 15.83 13.26 -12.66
CA GLU A 307 15.47 13.94 -13.90
C GLU A 307 14.08 13.56 -14.40
N ILE A 308 13.49 12.53 -13.80
CA ILE A 308 12.19 12.01 -14.23
C ILE A 308 11.07 13.03 -14.02
N LEU A 309 11.14 13.77 -12.92
CA LEU A 309 10.12 14.77 -12.60
C LEU A 309 10.04 15.86 -13.68
#